data_6EOM
#
_entry.id   6EOM
#
_cell.length_a   51.472
_cell.length_b   90.549
_cell.length_c   132.973
_cell.angle_alpha   90.000
_cell.angle_beta   90.000
_cell.angle_gamma   90.000
#
_symmetry.space_group_name_H-M   'P 21 21 21'
#
loop_
_entity.id
_entity.type
_entity.pdbx_description
1 polymer 'MutT/NUDIX family protein'
2 non-polymer 'ZINC ION'
3 non-polymer 'CHLORIDE ION'
4 non-polymer 1,2-ETHANEDIOL
5 non-polymer ALANINE
6 non-polymer LYSINE
7 non-polymer 'SODIUM ION'
8 water water
#
_entity_poly.entity_id   1
_entity_poly.type   'polypeptide(L)'
_entity_poly.pdbx_seq_one_letter_code
;MKRILLVLLTLVFLGAIACQRKEENKTEMVKLKRMIAQFAPTEIKYDHSLLDERKQKVVENLYRAAKIMDEIFLDQVYSK
NFEIREQLRASSDPLDQLRLEYFTIMFGPFDRLNHDKPFIGNTPKPKGANFYPPDMTREEFENWLKAHPEDEAAFTSEFT
VIRRQDGKLVAIPYSEYYKEYLTRAADYLKKAAEFADNPSLKKYLQLRAEAFLNNDYYESDLAWMDLNDHTIEVVIGPYE
VYEDKLFNYKAAFEAFITLRDPVESAKLKKFVGYLDEMEKNLPIPDAYKNFNRGSESPMVVVQEVFSAGDTKAGVQTLAF
NLPNDERVREAKGSKKVMLKNIHEAKFDKLLKPIAEKVLFAEQLPLVTFEGFFNHTLMHEISHGLGPGKIVLNGRQTEVK
KELKETYSSIEECKADVLGMYNNLFMIEKGVYPPEFEKQIYVTFLAGIFRTIRFGINEAHGAGNAVIFNYLLEKGAYQFD
PAAHRVKVNFEKIKDGVRDLANKVLTIQAQGDYMAAKNLLETYAVESEPIMIMRARLQELPVDIKPIFQIEKELGNSNLE
HHHHHH
;
_entity_poly.pdbx_strand_id   A
#
# COMPACT_ATOMS: atom_id res chain seq x y z
N LEU A 32 7.32 -24.18 -10.96
CA LEU A 32 7.22 -22.74 -11.23
C LEU A 32 5.83 -22.39 -11.74
N LYS A 33 5.16 -23.35 -12.37
CA LYS A 33 3.84 -23.11 -12.93
C LYS A 33 2.81 -22.81 -11.84
N ARG A 34 2.97 -23.43 -10.67
CA ARG A 34 2.05 -23.18 -9.56
C ARG A 34 2.37 -21.86 -8.85
N MET A 35 3.66 -21.52 -8.76
CA MET A 35 4.05 -20.26 -8.14
C MET A 35 3.50 -19.08 -8.92
N ILE A 36 3.58 -19.14 -10.26
CA ILE A 36 3.00 -18.09 -11.09
C ILE A 36 1.48 -18.06 -10.93
N ALA A 37 0.87 -19.22 -10.74
CA ALA A 37 -0.59 -19.28 -10.57
C ALA A 37 -1.06 -18.62 -9.28
N GLN A 38 -0.17 -18.28 -8.36
CA GLN A 38 -0.56 -17.53 -7.17
C GLN A 38 -1.06 -16.13 -7.51
N PHE A 39 -0.75 -15.65 -8.71
CA PHE A 39 -1.18 -14.32 -9.18
C PHE A 39 -2.12 -14.54 -10.37
N ALA A 40 -3.41 -14.38 -10.13
CA ALA A 40 -4.40 -14.60 -11.17
C ALA A 40 -4.28 -13.54 -12.26
N PRO A 41 -4.10 -13.92 -13.52
CA PRO A 41 -4.06 -12.92 -14.59
C PRO A 41 -5.39 -12.19 -14.71
N THR A 42 -5.32 -10.86 -14.68
CA THR A 42 -6.51 -10.03 -14.80
C THR A 42 -6.20 -8.85 -15.70
N GLU A 43 -7.19 -8.44 -16.49
CA GLU A 43 -7.02 -7.38 -17.46
C GLU A 43 -7.35 -6.03 -16.83
N ILE A 44 -6.38 -5.12 -16.85
CA ILE A 44 -6.54 -3.79 -16.28
C ILE A 44 -6.92 -2.85 -17.43
N LYS A 45 -8.18 -2.44 -17.46
CA LYS A 45 -8.72 -1.61 -18.53
C LYS A 45 -9.10 -0.24 -18.00
N TYR A 46 -9.28 0.70 -18.93
CA TYR A 46 -9.61 2.07 -18.56
C TYR A 46 -10.64 2.63 -19.54
N ASP A 47 -11.31 3.70 -19.13
CA ASP A 47 -12.34 4.34 -19.94
C ASP A 47 -11.68 5.26 -20.94
N HIS A 48 -11.80 4.92 -22.23
CA HIS A 48 -11.16 5.72 -23.27
C HIS A 48 -11.92 7.01 -23.57
N SER A 49 -13.20 7.08 -23.22
CA SER A 49 -13.98 8.28 -23.50
C SER A 49 -13.59 9.46 -22.62
N LEU A 50 -12.82 9.23 -21.56
CA LEU A 50 -12.35 10.32 -20.71
C LEU A 50 -11.20 11.11 -21.33
N LEU A 51 -10.63 10.63 -22.42
CA LEU A 51 -9.44 11.22 -23.02
C LEU A 51 -9.73 11.60 -24.46
N ASP A 52 -9.54 12.88 -24.79
CA ASP A 52 -9.58 13.31 -26.18
C ASP A 52 -8.22 13.06 -26.81
N GLU A 53 -8.01 13.57 -28.03
CA GLU A 53 -6.79 13.28 -28.77
C GLU A 53 -5.54 13.74 -28.02
N ARG A 54 -5.60 14.93 -27.40
CA ARG A 54 -4.41 15.46 -26.76
C ARG A 54 -4.09 14.72 -25.46
N LYS A 55 -5.11 14.34 -24.70
CA LYS A 55 -4.87 13.55 -23.50
C LYS A 55 -4.33 12.17 -23.83
N GLN A 56 -4.71 11.61 -24.98
CA GLN A 56 -4.14 10.34 -25.42
C GLN A 56 -2.62 10.45 -25.55
N LYS A 57 -2.14 11.55 -26.12
CA LYS A 57 -0.70 11.73 -26.27
C LYS A 57 -0.01 11.94 -24.93
N VAL A 58 -0.72 12.50 -23.95
CA VAL A 58 -0.16 12.60 -22.60
C VAL A 58 0.05 11.21 -22.01
N VAL A 59 -1.00 10.38 -22.04
CA VAL A 59 -0.92 9.04 -21.49
C VAL A 59 0.11 8.20 -22.22
N GLU A 60 0.25 8.40 -23.53
CA GLU A 60 1.26 7.65 -24.29
C GLU A 60 2.66 7.97 -23.80
N ASN A 61 2.98 9.27 -23.65
CA ASN A 61 4.30 9.65 -23.18
C ASN A 61 4.49 9.35 -21.70
N LEU A 62 3.44 9.49 -20.89
CA LEU A 62 3.52 9.05 -19.50
C LEU A 62 3.79 7.56 -19.42
N TYR A 63 3.20 6.78 -20.33
CA TYR A 63 3.45 5.34 -20.37
C TYR A 63 4.91 5.03 -20.68
N ARG A 64 5.48 5.74 -21.66
CA ARG A 64 6.88 5.50 -22.02
C ARG A 64 7.81 5.83 -20.86
N ALA A 65 7.49 6.86 -20.09
CA ALA A 65 8.31 7.18 -18.93
C ALA A 65 8.11 6.15 -17.81
N ALA A 66 6.89 5.62 -17.69
CA ALA A 66 6.64 4.61 -16.66
C ALA A 66 7.36 3.31 -16.96
N LYS A 67 7.49 2.95 -18.23
CA LYS A 67 8.25 1.75 -18.58
C LYS A 67 9.73 1.91 -18.23
N ILE A 68 10.22 3.14 -18.20
CA ILE A 68 11.59 3.38 -17.75
C ILE A 68 11.69 3.17 -16.24
N MET A 69 10.63 3.50 -15.50
CA MET A 69 10.59 3.20 -14.08
C MET A 69 10.65 1.70 -13.82
N ASP A 70 10.09 0.90 -14.73
CA ASP A 70 10.21 -0.55 -14.61
C ASP A 70 11.67 -0.99 -14.73
N GLU A 71 12.42 -0.34 -15.61
CA GLU A 71 13.82 -0.70 -15.81
C GLU A 71 14.69 -0.21 -14.66
N ILE A 72 14.41 0.99 -14.14
CA ILE A 72 15.20 1.53 -13.04
C ILE A 72 15.01 0.68 -11.78
N PHE A 73 13.75 0.43 -11.42
CA PHE A 73 13.48 -0.33 -10.20
C PHE A 73 14.03 -1.74 -10.29
N LEU A 74 13.96 -2.37 -11.48
CA LEU A 74 14.55 -3.68 -11.66
C LEU A 74 16.04 -3.66 -11.32
N ASP A 75 16.73 -2.57 -11.66
CA ASP A 75 18.14 -2.45 -11.29
C ASP A 75 18.31 -2.14 -9.81
N GLN A 76 17.32 -1.49 -9.19
CA GLN A 76 17.40 -1.16 -7.77
C GLN A 76 17.24 -2.38 -6.87
N VAL A 77 16.57 -3.42 -7.35
CA VAL A 77 16.30 -4.59 -6.52
C VAL A 77 17.57 -5.40 -6.30
N TYR A 78 18.38 -5.55 -7.34
CA TYR A 78 19.50 -6.49 -7.32
C TYR A 78 20.42 -6.16 -8.48
N SER A 79 21.73 -6.20 -8.23
CA SER A 79 22.70 -5.76 -9.24
C SER A 79 22.76 -6.70 -10.43
N LYS A 80 22.40 -7.97 -10.26
CA LYS A 80 22.45 -8.95 -11.34
C LYS A 80 21.13 -9.09 -12.09
N ASN A 81 20.14 -8.24 -11.81
CA ASN A 81 18.82 -8.41 -12.40
C ASN A 81 18.86 -8.32 -13.92
N PHE A 82 19.59 -7.34 -14.46
CA PHE A 82 19.67 -7.19 -15.91
C PHE A 82 20.42 -8.36 -16.54
N GLU A 83 21.51 -8.80 -15.92
CA GLU A 83 22.25 -9.95 -16.44
C GLU A 83 21.43 -11.23 -16.35
N ILE A 84 20.68 -11.41 -15.26
CA ILE A 84 19.84 -12.60 -15.13
C ILE A 84 18.71 -12.57 -16.15
N ARG A 85 18.11 -11.40 -16.37
CA ARG A 85 17.04 -11.30 -17.36
C ARG A 85 17.54 -11.65 -18.75
N GLU A 86 18.74 -11.19 -19.11
CA GLU A 86 19.28 -11.47 -20.44
C GLU A 86 19.56 -12.96 -20.62
N GLN A 87 20.02 -13.63 -19.56
CA GLN A 87 20.26 -15.06 -19.65
C GLN A 87 18.96 -15.82 -19.86
N LEU A 88 17.93 -15.46 -19.10
CA LEU A 88 16.63 -16.12 -19.25
C LEU A 88 16.02 -15.85 -20.62
N ARG A 89 16.25 -14.66 -21.18
CA ARG A 89 15.67 -14.33 -22.48
C ARG A 89 16.26 -15.19 -23.59
N ALA A 90 17.57 -15.39 -23.59
CA ALA A 90 18.22 -16.16 -24.65
C ALA A 90 18.19 -17.66 -24.40
N SER A 91 17.75 -18.10 -23.23
CA SER A 91 17.78 -19.51 -22.89
C SER A 91 16.78 -20.30 -23.71
N SER A 92 17.19 -21.51 -24.11
CA SER A 92 16.31 -22.41 -24.85
C SER A 92 15.49 -23.32 -23.93
N ASP A 93 15.87 -23.42 -22.66
CA ASP A 93 15.15 -24.24 -21.70
C ASP A 93 13.72 -23.73 -21.55
N PRO A 94 12.71 -24.57 -21.79
CA PRO A 94 11.32 -24.13 -21.51
C PRO A 94 11.09 -23.82 -20.04
N LEU A 95 11.88 -24.40 -19.14
CA LEU A 95 11.73 -24.06 -17.72
C LEU A 95 12.21 -22.64 -17.44
N ASP A 96 13.22 -22.17 -18.15
CA ASP A 96 13.71 -20.81 -17.92
C ASP A 96 12.67 -19.76 -18.30
N GLN A 97 11.83 -20.03 -19.29
CA GLN A 97 10.78 -19.09 -19.65
C GLN A 97 9.72 -19.00 -18.56
N LEU A 98 9.50 -20.08 -17.81
CA LEU A 98 8.62 -20.00 -16.66
C LEU A 98 9.27 -19.24 -15.51
N ARG A 99 10.58 -19.42 -15.33
CA ARG A 99 11.29 -18.63 -14.33
C ARG A 99 11.30 -17.15 -14.70
N LEU A 100 11.31 -16.84 -15.99
CA LEU A 100 11.28 -15.45 -16.43
C LEU A 100 9.93 -14.81 -16.12
N GLU A 101 8.83 -15.56 -16.28
CA GLU A 101 7.52 -15.03 -15.95
C GLU A 101 7.43 -14.63 -14.48
N TYR A 102 7.95 -15.47 -13.59
CA TYR A 102 7.96 -15.14 -12.16
C TYR A 102 8.98 -14.05 -11.87
N PHE A 103 10.11 -14.07 -12.60
CA PHE A 103 11.08 -12.97 -12.51
C PHE A 103 10.41 -11.64 -12.84
N THR A 104 9.63 -11.61 -13.92
CA THR A 104 8.95 -10.38 -14.32
C THR A 104 7.95 -9.95 -13.26
N ILE A 105 7.26 -10.90 -12.63
CA ILE A 105 6.32 -10.56 -11.56
C ILE A 105 7.08 -9.99 -10.36
N MET A 106 8.21 -10.58 -10.01
CA MET A 106 8.91 -10.26 -8.78
C MET A 106 10.02 -9.22 -8.96
N PHE A 107 10.31 -8.81 -10.20
CA PHE A 107 11.40 -7.87 -10.47
C PHE A 107 12.72 -8.36 -9.89
N GLY A 108 12.96 -9.66 -10.01
CA GLY A 108 14.16 -10.27 -9.46
C GLY A 108 14.00 -11.76 -9.26
N PRO A 109 15.10 -12.43 -8.90
CA PRO A 109 15.04 -13.90 -8.73
C PRO A 109 14.56 -14.33 -7.36
N PHE A 110 13.89 -13.45 -6.63
CA PHE A 110 13.48 -13.73 -5.25
C PHE A 110 11.97 -13.71 -5.14
N ASP A 111 11.43 -14.69 -4.42
CA ASP A 111 9.99 -14.86 -4.27
C ASP A 111 9.51 -14.00 -3.10
N ARG A 112 8.84 -12.90 -3.41
CA ARG A 112 8.39 -11.97 -2.39
C ARG A 112 7.25 -12.51 -1.54
N LEU A 113 6.61 -13.60 -1.97
CA LEU A 113 5.61 -14.26 -1.14
C LEU A 113 6.23 -15.20 -0.11
N ASN A 114 7.55 -15.35 -0.11
CA ASN A 114 8.22 -16.32 0.75
C ASN A 114 9.60 -15.79 1.15
N HIS A 115 9.62 -14.61 1.76
CA HIS A 115 10.82 -14.03 2.37
C HIS A 115 11.97 -13.94 1.37
N ASP A 116 11.64 -13.58 0.13
CA ASP A 116 12.63 -13.38 -0.93
C ASP A 116 13.48 -14.62 -1.18
N LYS A 117 12.90 -15.80 -0.97
CA LYS A 117 13.60 -17.05 -1.25
C LYS A 117 13.91 -17.12 -2.73
N PRO A 118 15.17 -17.29 -3.12
CA PRO A 118 15.50 -17.32 -4.57
C PRO A 118 14.93 -18.55 -5.24
N PHE A 119 14.19 -18.33 -6.32
CA PHE A 119 13.78 -19.41 -7.22
C PHE A 119 14.73 -19.59 -8.39
N ILE A 120 15.80 -18.79 -8.44
CA ILE A 120 16.89 -18.96 -9.39
C ILE A 120 18.20 -18.95 -8.59
N GLY A 121 18.90 -20.08 -8.59
CA GLY A 121 20.05 -20.22 -7.74
C GLY A 121 19.64 -20.31 -6.27
N ASN A 122 20.63 -20.12 -5.39
CA ASN A 122 20.34 -20.14 -3.96
C ASN A 122 21.11 -19.06 -3.21
N THR A 123 21.52 -17.99 -3.88
CA THR A 123 22.22 -16.90 -3.22
C THR A 123 21.21 -15.95 -2.60
N PRO A 124 21.28 -15.68 -1.29
CA PRO A 124 20.26 -14.84 -0.65
C PRO A 124 20.30 -13.41 -1.19
N LYS A 125 19.15 -12.75 -1.10
CA LYS A 125 19.05 -11.37 -1.57
C LYS A 125 19.77 -10.44 -0.59
N PRO A 126 20.56 -9.48 -1.09
CA PRO A 126 21.17 -8.50 -0.19
C PRO A 126 20.11 -7.71 0.56
N LYS A 127 20.37 -7.45 1.84
CA LYS A 127 19.45 -6.64 2.63
C LYS A 127 19.36 -5.22 2.09
N GLY A 128 20.45 -4.69 1.55
CA GLY A 128 20.46 -3.38 0.95
C GLY A 128 20.07 -3.34 -0.51
N ALA A 129 19.57 -4.45 -1.06
CA ALA A 129 19.22 -4.54 -2.47
C ALA A 129 20.37 -4.11 -3.36
N ASN A 130 20.17 -3.07 -4.16
CA ASN A 130 21.23 -2.50 -4.99
C ASN A 130 21.49 -1.03 -4.64
N PHE A 131 21.07 -0.60 -3.44
CA PHE A 131 21.35 0.75 -2.99
C PHE A 131 22.70 0.88 -2.29
N TYR A 132 23.22 -0.21 -1.73
CA TYR A 132 24.47 -0.22 -1.00
C TYR A 132 25.37 -1.31 -1.55
N PRO A 133 26.68 -1.22 -1.31
CA PRO A 133 27.56 -2.35 -1.61
C PRO A 133 27.18 -3.56 -0.79
N PRO A 134 27.12 -4.75 -1.39
CA PRO A 134 26.65 -5.92 -0.66
C PRO A 134 27.53 -6.34 0.50
N ASP A 135 28.78 -5.87 0.57
CA ASP A 135 29.68 -6.19 1.66
C ASP A 135 29.80 -5.06 2.67
N MET A 136 28.84 -4.14 2.69
CA MET A 136 28.84 -3.01 3.61
C MET A 136 27.79 -3.25 4.68
N THR A 137 28.25 -3.41 5.93
CA THR A 137 27.34 -3.61 7.04
C THR A 137 26.81 -2.26 7.54
N ARG A 138 25.85 -2.33 8.46
CA ARG A 138 25.39 -1.12 9.13
C ARG A 138 26.52 -0.46 9.90
N GLU A 139 27.44 -1.26 10.43
CA GLU A 139 28.54 -0.72 11.24
C GLU A 139 29.47 0.16 10.41
N GLU A 140 29.89 -0.34 9.24
CA GLU A 140 30.76 0.45 8.38
C GLU A 140 30.07 1.74 7.94
N PHE A 141 28.80 1.65 7.57
CA PHE A 141 28.02 2.83 7.24
C PHE A 141 28.02 3.83 8.40
N GLU A 142 27.68 3.35 9.60
CA GLU A 142 27.63 4.24 10.76
C GLU A 142 29.01 4.68 11.20
N ASN A 143 30.04 3.88 10.97
CA ASN A 143 31.40 4.30 11.29
C ASN A 143 31.88 5.39 10.33
N TRP A 144 31.41 5.36 9.08
CA TRP A 144 31.81 6.40 8.13
C TRP A 144 31.23 7.75 8.52
N LEU A 145 29.96 7.79 8.94
CA LEU A 145 29.34 9.04 9.32
C LEU A 145 29.95 9.61 10.60
N LYS A 146 30.48 8.75 11.46
CA LYS A 146 31.19 9.24 12.65
C LYS A 146 32.50 9.93 12.26
N ALA A 147 33.21 9.36 11.29
CA ALA A 147 34.50 9.93 10.87
C ALA A 147 34.33 11.05 9.86
N HIS A 148 33.19 11.14 9.19
CA HIS A 148 32.94 12.18 8.18
C HIS A 148 31.54 12.71 8.39
N PRO A 149 31.34 13.57 9.39
CA PRO A 149 29.99 14.04 9.70
C PRO A 149 29.30 14.75 8.55
N GLU A 150 30.07 15.33 7.61
CA GLU A 150 29.49 16.09 6.51
C GLU A 150 28.74 15.22 5.51
N ASP A 151 28.91 13.90 5.55
CA ASP A 151 28.26 13.00 4.60
C ASP A 151 26.94 12.45 5.10
N GLU A 152 26.51 12.81 6.31
CA GLU A 152 25.32 12.18 6.89
C GLU A 152 24.06 12.57 6.15
N ALA A 153 23.96 13.84 5.71
CA ALA A 153 22.78 14.26 4.98
C ALA A 153 22.68 13.56 3.63
N ALA A 154 23.82 13.34 2.96
CA ALA A 154 23.81 12.67 1.67
C ALA A 154 23.69 11.16 1.83
N PHE A 155 24.32 10.59 2.86
CA PHE A 155 24.30 9.14 3.04
C PHE A 155 22.91 8.65 3.44
N THR A 156 22.24 9.38 4.33
CA THR A 156 20.92 8.96 4.80
C THR A 156 19.79 9.39 3.85
N SER A 157 20.11 10.12 2.79
CA SER A 157 19.06 10.62 1.91
C SER A 157 18.34 9.48 1.19
N GLU A 158 17.06 9.68 0.94
CA GLU A 158 16.27 8.70 0.21
C GLU A 158 16.70 8.57 -1.24
N PHE A 159 17.46 9.54 -1.76
CA PHE A 159 17.69 9.68 -3.19
C PHE A 159 19.18 9.65 -3.53
N THR A 160 19.95 8.81 -2.83
CA THR A 160 21.34 8.56 -3.18
C THR A 160 21.62 7.07 -3.01
N VAL A 161 22.52 6.56 -3.85
CA VAL A 161 23.04 5.20 -3.70
C VAL A 161 24.44 5.30 -3.10
N ILE A 162 24.80 4.30 -2.31
CA ILE A 162 26.12 4.21 -1.70
C ILE A 162 26.98 3.26 -2.51
N ARG A 163 28.21 3.67 -2.79
CA ARG A 163 29.13 2.87 -3.59
C ARG A 163 30.54 2.98 -3.03
N ARG A 164 31.35 1.97 -3.31
CA ARG A 164 32.75 1.97 -2.91
C ARG A 164 33.58 2.59 -4.03
N GLN A 165 34.33 3.63 -3.69
CA GLN A 165 35.20 4.32 -4.65
C GLN A 165 36.48 4.72 -3.95
N ASP A 166 37.61 4.17 -4.41
CA ASP A 166 38.94 4.62 -3.99
C ASP A 166 39.13 4.47 -2.48
N GLY A 167 38.66 3.35 -1.93
CA GLY A 167 38.76 3.12 -0.51
C GLY A 167 37.84 3.98 0.33
N LYS A 168 36.84 4.62 -0.26
CA LYS A 168 35.88 5.45 0.44
C LYS A 168 34.47 4.95 0.21
N LEU A 169 33.54 5.49 0.98
CA LEU A 169 32.11 5.37 0.72
C LEU A 169 31.60 6.73 0.25
N VAL A 170 30.92 6.74 -0.89
CA VAL A 170 30.41 7.99 -1.46
C VAL A 170 28.92 7.86 -1.68
N ALA A 171 28.22 8.99 -1.57
CA ALA A 171 26.79 9.06 -1.84
C ALA A 171 26.60 9.64 -3.23
N ILE A 172 26.10 8.83 -4.15
CA ILE A 172 25.85 9.23 -5.53
C ILE A 172 24.36 9.47 -5.70
N PRO A 173 23.92 10.69 -6.01
CA PRO A 173 22.48 10.96 -6.12
C PRO A 173 21.85 10.18 -7.26
N TYR A 174 20.55 9.91 -7.10
CA TYR A 174 19.81 9.16 -8.12
C TYR A 174 19.89 9.85 -9.47
N SER A 175 19.79 11.18 -9.49
CA SER A 175 19.80 11.93 -10.74
C SER A 175 21.07 11.69 -11.56
N GLU A 176 22.15 11.25 -10.92
CA GLU A 176 23.41 10.98 -11.60
C GLU A 176 23.65 9.49 -11.84
N TYR A 177 23.31 8.64 -10.87
CA TYR A 177 23.54 7.20 -11.06
C TYR A 177 22.66 6.64 -12.16
N TYR A 178 21.44 7.15 -12.30
CA TYR A 178 20.51 6.73 -13.35
C TYR A 178 20.26 7.86 -14.34
N LYS A 179 21.30 8.61 -14.70
CA LYS A 179 21.13 9.77 -15.57
C LYS A 179 20.62 9.37 -16.94
N GLU A 180 21.10 8.23 -17.46
CA GLU A 180 20.68 7.80 -18.80
C GLU A 180 19.19 7.52 -18.84
N TYR A 181 18.69 6.73 -17.89
CA TYR A 181 17.26 6.44 -17.84
C TYR A 181 16.44 7.68 -17.55
N LEU A 182 16.87 8.47 -16.55
CA LEU A 182 16.06 9.60 -16.10
C LEU A 182 16.04 10.73 -17.12
N THR A 183 17.06 10.84 -17.97
CA THR A 183 17.02 11.84 -19.02
C THR A 183 15.96 11.51 -20.06
N ARG A 184 15.87 10.24 -20.47
CA ARG A 184 14.81 9.81 -21.37
C ARG A 184 13.45 9.92 -20.69
N ALA A 185 13.36 9.54 -19.42
CA ALA A 185 12.10 9.64 -18.70
C ALA A 185 11.67 11.09 -18.54
N ALA A 186 12.63 11.99 -18.35
CA ALA A 186 12.30 13.42 -18.24
C ALA A 186 11.83 13.97 -19.58
N ASP A 187 12.43 13.51 -20.69
CA ASP A 187 12.00 13.99 -21.99
C ASP A 187 10.59 13.51 -22.33
N TYR A 188 10.24 12.29 -21.92
CA TYR A 188 8.86 11.83 -22.10
C TYR A 188 7.90 12.65 -21.26
N LEU A 189 8.31 13.04 -20.06
CA LEU A 189 7.46 13.92 -19.24
C LEU A 189 7.35 15.31 -19.87
N LYS A 190 8.44 15.82 -20.44
CA LYS A 190 8.37 17.11 -21.12
C LYS A 190 7.46 17.04 -22.34
N LYS A 191 7.55 15.96 -23.10
CA LYS A 191 6.67 15.79 -24.26
C LYS A 191 5.22 15.63 -23.81
N ALA A 192 4.99 14.93 -22.69
CA ALA A 192 3.63 14.79 -22.18
C ALA A 192 3.08 16.13 -21.70
N ALA A 193 3.94 16.98 -21.15
CA ALA A 193 3.47 18.27 -20.65
C ALA A 193 3.03 19.19 -21.78
N GLU A 194 3.62 19.04 -22.97
CA GLU A 194 3.21 19.87 -24.10
C GLU A 194 1.80 19.50 -24.58
N PHE A 195 1.39 18.25 -24.39
CA PHE A 195 0.05 17.82 -24.75
C PHE A 195 -0.95 17.98 -23.63
N ALA A 196 -0.50 18.35 -22.43
CA ALA A 196 -1.38 18.48 -21.27
C ALA A 196 -1.88 19.91 -21.17
N ASP A 197 -3.17 20.11 -21.47
CA ASP A 197 -3.75 21.44 -21.41
C ASP A 197 -4.16 21.84 -20.00
N ASN A 198 -4.35 20.89 -19.10
CA ASN A 198 -4.64 21.20 -17.71
C ASN A 198 -3.43 21.88 -17.08
N PRO A 199 -3.54 23.13 -16.63
CA PRO A 199 -2.35 23.83 -16.11
C PRO A 199 -1.70 23.12 -14.93
N SER A 200 -2.50 22.67 -13.96
CA SER A 200 -1.92 21.97 -12.82
C SER A 200 -1.18 20.71 -13.25
N LEU A 201 -1.74 19.97 -14.21
CA LEU A 201 -1.06 18.79 -14.73
C LEU A 201 0.20 19.17 -15.50
N LYS A 202 0.08 20.16 -16.40
CA LYS A 202 1.25 20.61 -17.16
C LYS A 202 2.37 21.06 -16.23
N LYS A 203 2.02 21.80 -15.17
CA LYS A 203 3.04 22.29 -14.25
C LYS A 203 3.73 21.15 -13.52
N TYR A 204 2.96 20.14 -13.09
CA TYR A 204 3.56 19.02 -12.37
C TYR A 204 4.51 18.23 -13.26
N LEU A 205 4.09 17.95 -14.49
CA LEU A 205 4.93 17.16 -15.40
C LEU A 205 6.24 17.90 -15.70
N GLN A 206 6.17 19.22 -15.87
CA GLN A 206 7.37 20.00 -16.13
C GLN A 206 8.33 19.96 -14.95
N LEU A 207 7.81 20.13 -13.73
CA LEU A 207 8.67 20.17 -12.56
C LEU A 207 9.20 18.78 -12.20
N ARG A 208 8.36 17.75 -12.34
CA ARG A 208 8.82 16.39 -12.09
C ARG A 208 9.89 15.98 -13.09
N ALA A 209 9.77 16.46 -14.34
CA ALA A 209 10.81 16.21 -15.32
C ALA A 209 12.15 16.78 -14.86
N GLU A 210 12.13 18.00 -14.31
CA GLU A 210 13.35 18.59 -13.77
C GLU A 210 13.79 17.86 -12.50
N ALA A 211 12.83 17.38 -11.71
CA ALA A 211 13.16 16.70 -10.46
C ALA A 211 13.98 15.44 -10.70
N PHE A 212 13.70 14.73 -11.78
CA PHE A 212 14.50 13.56 -12.14
C PHE A 212 15.98 13.89 -12.25
N LEU A 213 16.31 15.11 -12.67
CA LEU A 213 17.67 15.46 -13.03
C LEU A 213 18.38 16.33 -12.00
N ASN A 214 17.65 17.12 -11.21
CA ASN A 214 18.26 17.89 -10.13
C ASN A 214 18.14 17.21 -8.78
N ASN A 215 17.42 16.08 -8.69
CA ASN A 215 17.33 15.21 -7.53
C ASN A 215 16.58 15.84 -6.36
N ASP A 216 15.86 16.94 -6.56
CA ASP A 216 15.06 17.57 -5.52
C ASP A 216 13.60 17.50 -5.93
N TYR A 217 12.81 16.70 -5.20
CA TYR A 217 11.44 16.40 -5.58
C TYR A 217 10.42 17.21 -4.80
N TYR A 218 10.85 18.22 -4.04
CA TYR A 218 9.92 18.92 -3.16
C TYR A 218 8.97 19.81 -3.93
N GLU A 219 9.49 20.58 -4.90
CA GLU A 219 8.63 21.52 -5.62
CA GLU A 219 8.64 21.52 -5.63
C GLU A 219 7.64 20.78 -6.52
N SER A 220 8.05 19.66 -7.10
CA SER A 220 7.12 18.89 -7.93
C SER A 220 6.16 18.07 -7.09
N ASP A 221 6.55 17.69 -5.86
CA ASP A 221 5.61 17.06 -4.96
C ASP A 221 4.49 18.01 -4.58
N LEU A 222 4.81 19.29 -4.38
CA LEU A 222 3.78 20.28 -4.10
C LEU A 222 2.87 20.47 -5.30
N ALA A 223 3.44 20.52 -6.51
CA ALA A 223 2.62 20.62 -7.71
C ALA A 223 1.70 19.42 -7.87
N TRP A 224 2.15 18.24 -7.41
CA TRP A 224 1.31 17.05 -7.51
C TRP A 224 0.10 17.14 -6.57
N MET A 225 0.31 17.67 -5.37
CA MET A 225 -0.80 17.86 -4.44
C MET A 225 -1.77 18.93 -4.93
N ASP A 226 -1.36 19.77 -5.88
CA ASP A 226 -2.19 20.86 -6.39
C ASP A 226 -2.95 20.49 -7.66
N LEU A 227 -2.85 19.24 -8.11
CA LEU A 227 -3.60 18.80 -9.28
C LEU A 227 -5.10 18.96 -9.04
N ASN A 228 -5.77 19.72 -9.90
CA ASN A 228 -7.19 20.01 -9.71
C ASN A 228 -7.87 20.15 -11.06
N ASP A 229 -9.15 19.78 -11.10
CA ASP A 229 -9.96 19.82 -12.31
C ASP A 229 -9.27 19.08 -13.45
N HIS A 230 -8.75 17.90 -13.15
CA HIS A 230 -7.96 17.12 -14.08
C HIS A 230 -8.56 15.74 -14.25
N THR A 231 -8.16 15.08 -15.35
CA THR A 231 -8.57 13.72 -15.65
C THR A 231 -7.45 12.71 -15.39
N ILE A 232 -6.22 13.06 -15.76
CA ILE A 232 -5.08 12.16 -15.62
C ILE A 232 -4.46 12.41 -14.25
N GLU A 233 -4.72 11.49 -13.31
CA GLU A 233 -4.08 11.51 -12.00
C GLU A 233 -2.84 10.63 -12.08
N VAL A 234 -1.67 11.26 -12.18
CA VAL A 234 -0.42 10.56 -12.45
C VAL A 234 0.60 10.93 -11.38
N VAL A 235 1.33 9.92 -10.90
CA VAL A 235 2.47 10.12 -10.01
C VAL A 235 3.61 9.22 -10.51
N ILE A 236 4.82 9.78 -10.55
CA ILE A 236 5.97 9.04 -11.05
C ILE A 236 7.23 9.53 -10.34
N GLY A 237 7.99 8.60 -9.77
CA GLY A 237 9.21 8.95 -9.08
C GLY A 237 9.57 7.98 -7.97
N PRO A 238 10.63 8.30 -7.22
CA PRO A 238 11.04 7.45 -6.11
C PRO A 238 10.31 7.82 -4.83
N TYR A 239 9.78 6.82 -4.13
CA TYR A 239 8.95 7.10 -2.96
C TYR A 239 9.15 6.11 -1.82
N GLU A 240 8.69 4.88 -1.99
CA GLU A 240 8.67 3.94 -0.87
C GLU A 240 10.07 3.38 -0.59
N VAL A 241 10.38 3.24 0.70
CA VAL A 241 11.72 2.85 1.14
C VAL A 241 11.79 1.40 1.61
N TYR A 242 10.71 0.63 1.42
CA TYR A 242 10.64 -0.71 1.97
C TYR A 242 11.44 -1.74 1.17
N GLU A 243 11.99 -1.36 0.01
CA GLU A 243 12.91 -2.24 -0.69
C GLU A 243 14.28 -2.27 -0.01
N ASP A 244 14.65 -1.18 0.66
CA ASP A 244 15.89 -1.09 1.41
C ASP A 244 15.66 -1.74 2.78
N LYS A 245 15.96 -3.04 2.86
CA LYS A 245 15.80 -3.79 4.10
C LYS A 245 17.04 -3.71 5.00
N LEU A 246 17.97 -2.81 4.69
CA LEU A 246 19.12 -2.58 5.56
C LEU A 246 18.90 -1.40 6.50
N PHE A 247 18.38 -0.30 5.97
CA PHE A 247 18.13 0.90 6.75
C PHE A 247 16.74 1.50 6.58
N ASN A 248 15.97 1.05 5.60
CA ASN A 248 14.73 1.72 5.21
C ASN A 248 14.98 3.20 4.90
N TYR A 249 16.11 3.47 4.23
CA TYR A 249 16.50 4.82 3.85
C TYR A 249 16.14 5.15 2.41
N LYS A 250 16.45 4.26 1.48
CA LYS A 250 16.44 4.58 0.06
C LYS A 250 15.08 4.30 -0.58
N ALA A 251 14.65 5.22 -1.44
CA ALA A 251 13.36 5.12 -2.10
C ALA A 251 13.49 4.41 -3.44
N ALA A 252 12.40 3.77 -3.85
CA ALA A 252 12.35 3.02 -5.10
C ALA A 252 11.45 3.73 -6.10
N PHE A 253 11.91 3.78 -7.35
CA PHE A 253 11.12 4.41 -8.40
C PHE A 253 9.88 3.59 -8.71
N GLU A 254 8.77 4.28 -8.94
CA GLU A 254 7.51 3.64 -9.28
C GLU A 254 6.64 4.66 -10.00
N ALA A 255 5.52 4.18 -10.55
CA ALA A 255 4.62 5.05 -11.29
C ALA A 255 3.20 4.53 -11.18
N PHE A 256 2.25 5.46 -11.03
CA PHE A 256 0.83 5.19 -11.18
C PHE A 256 0.30 6.13 -12.25
N ILE A 257 -0.30 5.57 -13.30
CA ILE A 257 -1.05 6.34 -14.28
C ILE A 257 -2.51 5.96 -14.11
N THR A 258 -3.32 6.90 -13.62
CA THR A 258 -4.72 6.65 -13.33
C THR A 258 -5.58 7.76 -13.93
N LEU A 259 -6.87 7.47 -14.06
CA LEU A 259 -7.85 8.43 -14.54
C LEU A 259 -8.78 8.79 -13.40
N ARG A 260 -8.94 10.10 -13.16
CA ARG A 260 -9.75 10.59 -12.05
C ARG A 260 -11.23 10.45 -12.39
N ASP A 261 -12.00 10.01 -11.39
CA ASP A 261 -13.44 9.84 -11.54
C ASP A 261 -14.17 10.93 -10.78
N PRO A 262 -14.81 11.89 -11.45
CA PRO A 262 -15.46 12.98 -10.72
C PRO A 262 -16.70 12.53 -9.95
N VAL A 263 -17.47 11.58 -10.48
CA VAL A 263 -18.70 11.16 -9.82
C VAL A 263 -18.38 10.45 -8.51
N GLU A 264 -17.28 9.69 -8.46
CA GLU A 264 -16.94 8.97 -7.24
C GLU A 264 -16.15 9.84 -6.27
N SER A 265 -15.27 10.69 -6.79
CA SER A 265 -14.51 11.58 -5.92
C SER A 265 -15.41 12.63 -5.27
N ALA A 266 -16.52 12.98 -5.91
CA ALA A 266 -17.47 13.90 -5.29
C ALA A 266 -18.14 13.27 -4.08
N LYS A 267 -18.50 11.98 -4.17
CA LYS A 267 -19.12 11.30 -3.05
C LYS A 267 -18.18 11.19 -1.85
N LEU A 268 -16.88 11.25 -2.06
CA LEU A 268 -15.91 11.21 -0.98
C LEU A 268 -15.63 12.58 -0.38
N LYS A 269 -16.08 13.65 -1.03
CA LYS A 269 -15.86 14.99 -0.51
C LYS A 269 -16.59 15.25 0.80
N LYS A 270 -17.67 14.53 1.08
CA LYS A 270 -18.38 14.72 2.34
C LYS A 270 -17.72 13.94 3.47
N PHE A 271 -17.02 12.85 3.15
CA PHE A 271 -16.37 12.05 4.18
C PHE A 271 -15.31 12.85 4.93
N VAL A 272 -14.59 13.72 4.21
CA VAL A 272 -13.60 14.57 4.87
C VAL A 272 -14.26 15.65 5.71
N GLY A 273 -15.51 16.01 5.39
CA GLY A 273 -16.24 16.96 6.21
C GLY A 273 -16.75 16.37 7.51
N TYR A 274 -16.81 15.04 7.61
CA TYR A 274 -17.26 14.36 8.81
C TYR A 274 -16.11 13.99 9.74
N LEU A 275 -14.88 14.45 9.46
CA LEU A 275 -13.72 13.99 10.21
C LEU A 275 -13.84 14.32 11.69
N ASP A 276 -14.20 15.56 12.02
CA ASP A 276 -14.39 15.92 13.42
C ASP A 276 -15.59 15.20 14.03
N GLU A 277 -16.64 14.98 13.23
CA GLU A 277 -17.80 14.24 13.74
C GLU A 277 -17.42 12.80 14.06
N MET A 278 -16.65 12.16 13.19
CA MET A 278 -16.23 10.77 13.45
C MET A 278 -15.38 10.69 14.70
N GLU A 279 -14.53 11.70 14.94
CA GLU A 279 -13.68 11.67 16.12
C GLU A 279 -14.50 11.89 17.40
N LYS A 280 -15.40 12.86 17.38
CA LYS A 280 -16.28 13.08 18.53
C LYS A 280 -17.16 11.87 18.80
N ASN A 281 -17.44 11.07 17.77
CA ASN A 281 -18.30 9.90 17.89
C ASN A 281 -17.55 8.65 18.32
N LEU A 282 -16.22 8.70 18.41
CA LEU A 282 -15.45 7.53 18.81
C LEU A 282 -15.87 7.06 20.20
N PRO A 283 -15.85 5.68 20.45
CA PRO A 283 -16.31 5.13 21.74
C PRO A 283 -15.23 5.19 22.82
N ILE A 284 -14.90 6.41 23.24
CA ILE A 284 -13.87 6.65 24.25
C ILE A 284 -14.27 7.88 25.04
N PRO A 285 -13.71 8.11 26.24
CA PRO A 285 -13.94 9.39 26.92
C PRO A 285 -13.42 10.55 26.08
N ASP A 286 -14.00 11.73 26.31
CA ASP A 286 -13.68 12.90 25.50
C ASP A 286 -12.21 13.28 25.61
N ALA A 287 -11.60 13.06 26.78
CA ALA A 287 -10.20 13.43 26.98
C ALA A 287 -9.27 12.67 26.06
N TYR A 288 -9.69 11.51 25.56
CA TYR A 288 -8.87 10.76 24.61
C TYR A 288 -9.03 11.25 23.18
N LYS A 289 -10.14 11.89 22.86
CA LYS A 289 -10.42 12.28 21.48
C LYS A 289 -9.44 13.36 21.01
N ASN A 290 -8.95 13.21 19.79
CA ASN A 290 -7.82 13.96 19.27
C ASN A 290 -8.30 14.94 18.21
N PHE A 291 -8.16 16.23 18.48
CA PHE A 291 -8.42 17.29 17.51
C PHE A 291 -7.15 18.06 17.20
N ASN A 292 -6.01 17.39 17.37
CA ASN A 292 -4.69 17.86 16.98
C ASN A 292 -4.09 16.92 15.94
N ARG A 293 -4.91 16.53 14.97
CA ARG A 293 -4.58 15.46 14.04
C ARG A 293 -3.73 15.91 12.85
N GLY A 294 -3.57 17.21 12.65
CA GLY A 294 -2.80 17.70 11.52
C GLY A 294 -3.66 17.92 10.29
N SER A 295 -2.98 18.32 9.21
CA SER A 295 -3.67 18.67 7.97
C SER A 295 -4.41 17.47 7.41
N GLU A 296 -5.64 17.72 6.96
CA GLU A 296 -6.46 16.65 6.40
C GLU A 296 -5.96 16.26 5.02
N SER A 297 -6.07 14.97 4.71
CA SER A 297 -5.62 14.45 3.44
C SER A 297 -6.72 14.57 2.39
N PRO A 298 -6.41 15.03 1.19
CA PRO A 298 -7.38 14.92 0.09
C PRO A 298 -7.48 13.49 -0.39
N MET A 299 -8.66 13.13 -0.89
CA MET A 299 -8.95 11.74 -1.27
C MET A 299 -9.58 11.71 -2.66
N VAL A 300 -9.08 10.82 -3.51
CA VAL A 300 -9.54 10.74 -4.90
C VAL A 300 -9.72 9.28 -5.29
N VAL A 301 -10.83 8.98 -5.97
CA VAL A 301 -11.11 7.66 -6.51
C VAL A 301 -10.77 7.69 -7.98
N VAL A 302 -9.93 6.74 -8.41
CA VAL A 302 -9.37 6.76 -9.76
C VAL A 302 -9.45 5.37 -10.38
N GLN A 303 -9.30 5.34 -11.70
CA GLN A 303 -9.22 4.11 -12.48
C GLN A 303 -7.79 3.96 -12.98
N GLU A 304 -7.13 2.89 -12.58
CA GLU A 304 -5.72 2.70 -12.94
C GLU A 304 -5.59 2.34 -14.41
N VAL A 305 -4.70 3.04 -15.11
CA VAL A 305 -4.34 2.71 -16.47
C VAL A 305 -3.08 1.85 -16.53
N PHE A 306 -2.09 2.17 -15.69
CA PHE A 306 -0.81 1.49 -15.71
C PHE A 306 -0.08 1.78 -14.41
N SER A 307 0.64 0.76 -13.93
CA SER A 307 1.55 0.91 -12.80
C SER A 307 2.91 0.36 -13.20
N ALA A 308 3.94 0.78 -12.48
CA ALA A 308 5.30 0.41 -12.85
C ALA A 308 6.20 0.51 -11.63
N GLY A 309 7.36 -0.17 -11.72
CA GLY A 309 8.35 -0.05 -10.68
C GLY A 309 7.94 -0.79 -9.41
N ASP A 310 8.20 -0.14 -8.28
CA ASP A 310 8.09 -0.78 -6.96
C ASP A 310 6.70 -1.37 -6.74
N THR A 311 5.64 -0.64 -7.11
CA THR A 311 4.30 -1.06 -6.77
C THR A 311 3.86 -2.28 -7.57
N LYS A 312 4.38 -2.46 -8.79
CA LYS A 312 3.94 -3.55 -9.64
C LYS A 312 4.55 -4.88 -9.23
N ALA A 313 5.63 -4.87 -8.46
CA ALA A 313 6.25 -6.12 -8.03
C ALA A 313 5.35 -6.87 -7.06
N GLY A 314 5.26 -8.19 -7.24
CA GLY A 314 4.54 -9.03 -6.30
C GLY A 314 3.07 -8.67 -6.20
N VAL A 315 2.61 -8.43 -4.97
CA VAL A 315 1.20 -8.13 -4.71
C VAL A 315 0.92 -6.70 -5.12
N GLN A 316 -0.27 -6.49 -5.71
CA GLN A 316 -0.63 -5.19 -6.26
C GLN A 316 -1.24 -4.27 -5.21
N THR A 317 -1.07 -2.97 -5.42
CA THR A 317 -1.56 -1.97 -4.49
C THR A 317 -3.05 -1.72 -4.73
N LEU A 318 -3.81 -1.63 -3.64
CA LEU A 318 -5.21 -1.24 -3.70
C LEU A 318 -5.40 0.26 -3.53
N ALA A 319 -4.48 0.93 -2.84
CA ALA A 319 -4.53 2.36 -2.59
C ALA A 319 -3.20 2.79 -2.01
N PHE A 320 -2.74 3.99 -2.37
CA PHE A 320 -1.47 4.50 -1.87
C PHE A 320 -1.68 5.87 -1.22
N ASN A 321 -0.67 6.29 -0.47
CA ASN A 321 -0.73 7.49 0.35
C ASN A 321 0.61 8.21 0.17
N LEU A 322 0.61 9.27 -0.65
CA LEU A 322 1.83 9.95 -1.04
C LEU A 322 1.67 11.47 -0.96
N PRO A 323 2.78 12.22 -0.83
CA PRO A 323 4.15 11.72 -0.66
C PRO A 323 4.44 11.35 0.79
N ASN A 324 5.65 10.85 1.05
CA ASN A 324 6.07 10.58 2.42
C ASN A 324 6.78 11.77 3.06
N ASP A 325 7.18 12.75 2.26
CA ASP A 325 7.83 13.95 2.77
C ASP A 325 6.96 14.65 3.81
N GLU A 326 7.43 14.67 5.06
CA GLU A 326 6.69 15.37 6.10
C GLU A 326 6.61 16.86 5.83
N ARG A 327 7.62 17.41 5.13
CA ARG A 327 7.58 18.83 4.77
C ARG A 327 6.38 19.13 3.88
N VAL A 328 6.02 18.19 3.00
CA VAL A 328 4.84 18.38 2.17
C VAL A 328 3.57 18.04 2.95
N ARG A 329 3.60 16.94 3.72
CA ARG A 329 2.42 16.52 4.46
C ARG A 329 2.02 17.54 5.52
N GLU A 330 2.98 18.30 6.04
CA GLU A 330 2.63 19.40 6.93
C GLU A 330 1.98 20.55 6.15
N ALA A 331 2.56 20.91 5.01
CA ALA A 331 2.06 22.05 4.24
C ALA A 331 0.71 21.75 3.61
N LYS A 332 0.65 20.75 2.73
CA LYS A 332 -0.55 20.45 1.97
C LYS A 332 -1.11 19.06 2.24
N GLY A 333 -0.62 18.38 3.27
CA GLY A 333 -1.12 17.04 3.52
C GLY A 333 -0.53 16.03 2.54
N SER A 334 -1.14 14.85 2.53
CA SER A 334 -0.80 13.80 1.59
C SER A 334 -2.06 13.38 0.84
N LYS A 335 -1.87 12.86 -0.38
CA LYS A 335 -2.99 12.49 -1.23
C LYS A 335 -3.22 10.99 -1.14
N LYS A 336 -4.43 10.60 -0.75
CA LYS A 336 -4.82 9.20 -0.63
C LYS A 336 -5.60 8.82 -1.88
N VAL A 337 -5.04 7.93 -2.69
CA VAL A 337 -5.56 7.59 -4.00
C VAL A 337 -6.09 6.16 -3.95
N MET A 338 -7.40 6.01 -4.18
CA MET A 338 -8.06 4.71 -4.15
C MET A 338 -8.19 4.18 -5.57
N LEU A 339 -7.65 2.98 -5.81
CA LEU A 339 -7.65 2.37 -7.13
C LEU A 339 -8.89 1.50 -7.25
N LYS A 340 -9.93 2.02 -7.93
CA LYS A 340 -11.22 1.35 -7.95
C LYS A 340 -11.17 0.06 -8.76
N ASN A 341 -10.59 0.10 -9.95
CA ASN A 341 -10.62 -1.09 -10.81
C ASN A 341 -9.67 -2.18 -10.32
N ILE A 342 -8.63 -1.83 -9.56
CA ILE A 342 -7.83 -2.86 -8.90
C ILE A 342 -8.66 -3.55 -7.82
N HIS A 343 -9.50 -2.80 -7.11
CA HIS A 343 -10.45 -3.40 -6.18
C HIS A 343 -11.40 -4.35 -6.90
N GLU A 344 -11.87 -3.94 -8.08
CA GLU A 344 -12.79 -4.80 -8.85
C GLU A 344 -12.13 -6.10 -9.25
N ALA A 345 -10.85 -6.04 -9.66
CA ALA A 345 -10.13 -7.27 -9.99
C ALA A 345 -9.98 -8.16 -8.76
N LYS A 346 -9.53 -7.58 -7.64
CA LYS A 346 -9.30 -8.38 -6.45
C LYS A 346 -10.61 -8.94 -5.89
N PHE A 347 -11.70 -8.18 -6.02
CA PHE A 347 -12.99 -8.68 -5.54
C PHE A 347 -13.45 -9.88 -6.35
N ASP A 348 -13.30 -9.81 -7.68
CA ASP A 348 -13.79 -10.89 -8.54
C ASP A 348 -12.89 -12.12 -8.48
N LYS A 349 -11.58 -11.93 -8.41
CA LYS A 349 -10.65 -13.05 -8.45
C LYS A 349 -10.34 -13.63 -7.08
N LEU A 350 -10.50 -12.85 -6.00
CA LEU A 350 -10.00 -13.28 -4.71
C LEU A 350 -11.06 -13.24 -3.61
N LEU A 351 -11.63 -12.07 -3.35
CA LEU A 351 -12.55 -11.93 -2.23
C LEU A 351 -13.82 -12.74 -2.44
N LYS A 352 -14.38 -12.71 -3.66
CA LYS A 352 -15.56 -13.52 -3.94
C LYS A 352 -15.28 -15.01 -3.82
N PRO A 353 -14.24 -15.58 -4.43
CA PRO A 353 -13.99 -17.01 -4.22
C PRO A 353 -13.68 -17.38 -2.78
N ILE A 354 -13.01 -16.49 -2.04
CA ILE A 354 -12.72 -16.77 -0.63
C ILE A 354 -14.01 -16.79 0.18
N ALA A 355 -14.85 -15.78 -0.02
CA ALA A 355 -16.14 -15.73 0.70
C ALA A 355 -16.99 -16.95 0.40
N GLU A 356 -16.91 -17.48 -0.83
N GLU A 356 -16.91 -17.48 -0.83
CA GLU A 356 -17.67 -18.67 -1.17
CA GLU A 356 -17.66 -18.67 -1.18
C GLU A 356 -17.24 -19.87 -0.35
C GLU A 356 -17.25 -19.87 -0.32
N LYS A 357 -15.97 -19.93 0.06
CA LYS A 357 -15.47 -21.07 0.81
C LYS A 357 -15.54 -20.89 2.33
N VAL A 358 -15.53 -19.65 2.82
CA VAL A 358 -15.44 -19.41 4.25
C VAL A 358 -16.79 -19.13 4.90
N LEU A 359 -17.78 -18.66 4.16
CA LEU A 359 -19.04 -18.22 4.74
C LEU A 359 -20.13 -19.27 4.54
N PHE A 360 -21.14 -19.18 5.39
CA PHE A 360 -22.37 -19.93 5.17
C PHE A 360 -23.10 -19.36 3.95
N ALA A 361 -23.87 -20.23 3.27
CA ALA A 361 -24.55 -19.82 2.05
C ALA A 361 -25.52 -18.68 2.30
N GLU A 362 -26.15 -18.65 3.48
CA GLU A 362 -27.14 -17.62 3.77
C GLU A 362 -26.52 -16.22 3.91
N GLN A 363 -25.22 -16.13 4.18
CA GLN A 363 -24.57 -14.84 4.32
C GLN A 363 -23.72 -14.46 3.11
N LEU A 364 -23.50 -15.39 2.19
CA LEU A 364 -22.70 -15.08 1.00
C LEU A 364 -23.25 -13.91 0.18
N PRO A 365 -24.55 -13.77 -0.07
CA PRO A 365 -25.02 -12.60 -0.84
C PRO A 365 -24.67 -11.27 -0.21
N LEU A 366 -24.39 -11.22 1.10
CA LEU A 366 -24.05 -9.96 1.73
C LEU A 366 -22.64 -9.48 1.39
N VAL A 367 -21.86 -10.27 0.66
CA VAL A 367 -20.54 -9.86 0.21
C VAL A 367 -20.72 -9.05 -1.08
N THR A 368 -20.45 -7.76 -1.00
CA THR A 368 -20.65 -6.85 -2.12
C THR A 368 -19.36 -6.05 -2.37
N PHE A 369 -19.23 -5.55 -3.61
CA PHE A 369 -18.11 -4.69 -3.94
C PHE A 369 -18.12 -3.43 -3.08
N GLU A 370 -19.31 -2.92 -2.77
CA GLU A 370 -19.40 -1.73 -1.92
C GLU A 370 -18.84 -2.02 -0.52
N GLY A 371 -19.09 -3.22 0.00
CA GLY A 371 -18.51 -3.59 1.28
C GLY A 371 -17.00 -3.69 1.25
N PHE A 372 -16.44 -4.05 0.09
CA PHE A 372 -14.99 -4.14 -0.04
C PHE A 372 -14.36 -2.78 -0.29
N PHE A 373 -14.88 -2.05 -1.27
CA PHE A 373 -14.26 -0.78 -1.66
C PHE A 373 -14.47 0.30 -0.62
N ASN A 374 -15.67 0.36 -0.01
CA ASN A 374 -15.96 1.41 0.95
C ASN A 374 -15.31 1.16 2.31
N HIS A 375 -14.89 -0.07 2.60
CA HIS A 375 -14.11 -0.29 3.82
C HIS A 375 -12.70 0.28 3.68
N THR A 376 -12.07 0.02 2.52
CA THR A 376 -10.77 0.62 2.25
C THR A 376 -10.81 2.13 2.36
N LEU A 377 -11.87 2.74 1.81
CA LEU A 377 -12.06 4.18 1.96
C LEU A 377 -12.05 4.59 3.43
N MET A 378 -12.86 3.92 4.25
CA MET A 378 -12.97 4.29 5.66
C MET A 378 -11.78 3.80 6.47
N HIS A 379 -11.14 2.71 6.04
CA HIS A 379 -9.89 2.29 6.67
C HIS A 379 -8.83 3.38 6.56
N GLU A 380 -8.71 3.97 5.37
CA GLU A 380 -7.75 5.06 5.17
C GLU A 380 -8.15 6.30 5.97
N ILE A 381 -9.44 6.63 5.97
CA ILE A 381 -9.93 7.76 6.75
C ILE A 381 -9.64 7.55 8.23
N SER A 382 -9.80 6.31 8.71
CA SER A 382 -9.65 6.04 10.14
C SER A 382 -8.21 6.15 10.60
N HIS A 383 -7.24 5.92 9.70
CA HIS A 383 -5.84 6.14 10.05
C HIS A 383 -5.60 7.57 10.50
N GLY A 384 -6.34 8.52 9.95
CA GLY A 384 -6.26 9.91 10.36
C GLY A 384 -7.04 10.26 11.60
N LEU A 385 -7.66 9.29 12.25
CA LEU A 385 -8.42 9.50 13.47
C LEU A 385 -7.75 8.77 14.63
N GLY A 386 -8.15 9.13 15.84
CA GLY A 386 -7.64 8.49 17.03
C GLY A 386 -6.44 9.20 17.61
N PRO A 387 -5.92 8.68 18.73
CA PRO A 387 -4.82 9.35 19.43
C PRO A 387 -3.56 9.43 18.58
N GLY A 388 -2.79 10.49 18.81
CA GLY A 388 -1.51 10.69 18.16
C GLY A 388 -0.53 11.36 19.10
N LYS A 389 -0.49 12.69 19.09
CA LYS A 389 0.23 13.43 20.11
C LYS A 389 -0.50 13.28 21.44
N ILE A 390 0.18 12.72 22.44
CA ILE A 390 -0.43 12.44 23.74
C ILE A 390 0.51 12.92 24.84
N VAL A 391 -0.01 12.89 26.07
CA VAL A 391 0.73 13.23 27.27
C VAL A 391 0.80 11.99 28.14
N LEU A 392 2.02 11.55 28.48
CA LEU A 392 2.23 10.38 29.31
C LEU A 392 3.16 10.75 30.45
N ASN A 393 2.65 10.67 31.68
CA ASN A 393 3.40 11.06 32.87
C ASN A 393 3.94 12.49 32.75
N GLY A 394 3.10 13.38 32.23
CA GLY A 394 3.45 14.77 32.07
C GLY A 394 4.41 15.08 30.94
N ARG A 395 4.82 14.09 30.16
CA ARG A 395 5.76 14.31 29.07
CA ARG A 395 5.76 14.27 29.07
C ARG A 395 5.04 14.28 27.73
N GLN A 396 5.45 15.18 26.85
CA GLN A 396 4.93 15.20 25.48
C GLN A 396 5.51 14.02 24.71
N THR A 397 4.64 13.14 24.23
CA THR A 397 5.07 11.94 23.53
C THR A 397 4.05 11.60 22.45
N GLU A 398 4.27 10.48 21.77
CA GLU A 398 3.43 10.05 20.66
C GLU A 398 3.06 8.59 20.83
N VAL A 399 1.90 8.22 20.26
CA VAL A 399 1.44 6.84 20.32
C VAL A 399 2.48 5.90 19.71
N LYS A 400 3.05 6.29 18.57
CA LYS A 400 4.03 5.44 17.89
C LYS A 400 5.29 5.29 18.72
N LYS A 401 5.72 6.35 19.40
CA LYS A 401 6.93 6.27 20.21
C LYS A 401 6.73 5.34 21.41
N GLU A 402 5.54 5.33 21.99
CA GLU A 402 5.28 4.55 23.19
C GLU A 402 4.96 3.10 22.92
N LEU A 403 4.25 2.81 21.82
CA LEU A 403 3.87 1.43 21.52
C LEU A 403 5.02 0.62 20.93
N LYS A 404 6.03 1.28 20.37
CA LYS A 404 7.27 0.66 19.90
C LYS A 404 6.93 -0.34 18.79
N GLU A 405 7.36 -1.61 18.88
CA GLU A 405 7.14 -2.56 17.81
C GLU A 405 5.67 -2.98 17.66
N THR A 406 4.83 -2.69 18.65
CA THR A 406 3.42 -3.03 18.57
C THR A 406 2.59 -1.99 17.83
N TYR A 407 3.16 -0.83 17.52
CA TYR A 407 2.35 0.28 17.02
C TYR A 407 1.66 -0.06 15.70
N SER A 408 2.41 -0.60 14.74
CA SER A 408 1.85 -0.86 13.42
C SER A 408 0.72 -1.87 13.46
N SER A 409 0.89 -2.93 14.25
CA SER A 409 -0.18 -3.92 14.39
C SER A 409 -1.40 -3.32 15.06
N ILE A 410 -1.19 -2.54 16.13
CA ILE A 410 -2.30 -1.87 16.80
C ILE A 410 -2.95 -0.84 15.90
N GLU A 411 -2.14 -0.14 15.10
CA GLU A 411 -2.68 0.92 14.24
C GLU A 411 -3.53 0.35 13.11
N GLU A 412 -3.06 -0.70 12.45
CA GLU A 412 -3.87 -1.33 11.41
C GLU A 412 -5.11 -2.00 11.98
N CYS A 413 -5.01 -2.53 13.20
CA CYS A 413 -6.20 -3.05 13.87
C CYS A 413 -7.20 -1.93 14.13
N LYS A 414 -6.73 -0.77 14.57
CA LYS A 414 -7.60 0.37 14.77
C LYS A 414 -8.30 0.78 13.47
N ALA A 415 -7.54 0.83 12.37
CA ALA A 415 -8.09 1.33 11.12
C ALA A 415 -9.18 0.42 10.58
N ASP A 416 -9.00 -0.91 10.71
CA ASP A 416 -10.00 -1.83 10.21
C ASP A 416 -11.25 -1.83 11.09
N VAL A 417 -11.06 -1.74 12.42
CA VAL A 417 -12.21 -1.72 13.32
C VAL A 417 -12.97 -0.41 13.17
N LEU A 418 -12.26 0.71 13.13
CA LEU A 418 -12.92 1.99 12.92
C LEU A 418 -13.49 2.10 11.51
N GLY A 419 -12.90 1.39 10.54
CA GLY A 419 -13.49 1.36 9.21
C GLY A 419 -14.90 0.81 9.22
N MET A 420 -15.15 -0.23 10.02
CA MET A 420 -16.50 -0.72 10.20
C MET A 420 -17.33 0.25 11.05
N TYR A 421 -16.74 0.72 12.16
CA TYR A 421 -17.45 1.62 13.07
C TYR A 421 -17.90 2.89 12.35
N ASN A 422 -17.02 3.50 11.56
CA ASN A 422 -17.36 4.76 10.91
C ASN A 422 -18.27 4.54 9.71
N ASN A 423 -18.19 3.40 9.04
CA ASN A 423 -19.15 3.09 7.99
C ASN A 423 -20.55 2.86 8.57
N LEU A 424 -20.62 2.25 9.75
CA LEU A 424 -21.88 2.19 10.46
C LEU A 424 -22.37 3.59 10.83
N PHE A 425 -21.42 4.46 11.21
CA PHE A 425 -21.78 5.85 11.51
C PHE A 425 -22.32 6.56 10.26
N MET A 426 -21.78 6.22 9.09
CA MET A 426 -22.27 6.82 7.85
C MET A 426 -23.67 6.35 7.52
N ILE A 427 -24.06 5.16 7.96
CA ILE A 427 -25.43 4.71 7.80
C ILE A 427 -26.35 5.51 8.71
N GLU A 428 -25.91 5.79 9.93
CA GLU A 428 -26.71 6.59 10.86
C GLU A 428 -27.05 7.95 10.28
N LYS A 429 -26.18 8.49 9.43
CA LYS A 429 -26.36 9.83 8.88
C LYS A 429 -26.95 9.83 7.48
N GLY A 430 -27.46 8.70 7.01
CA GLY A 430 -28.08 8.62 5.71
C GLY A 430 -27.15 8.65 4.52
N VAL A 431 -25.83 8.65 4.74
CA VAL A 431 -24.90 8.60 3.62
C VAL A 431 -24.99 7.25 2.92
N TYR A 432 -25.07 6.17 3.70
CA TYR A 432 -25.24 4.82 3.19
C TYR A 432 -26.62 4.28 3.56
N PRO A 433 -27.22 3.46 2.71
CA PRO A 433 -28.56 2.94 2.99
C PRO A 433 -28.53 1.90 4.08
N PRO A 434 -29.66 1.63 4.73
CA PRO A 434 -29.65 0.72 5.89
C PRO A 434 -29.19 -0.70 5.56
N GLU A 435 -29.51 -1.20 4.36
CA GLU A 435 -29.13 -2.56 3.98
C GLU A 435 -27.62 -2.73 3.86
N PHE A 436 -26.84 -1.65 3.91
CA PHE A 436 -25.40 -1.74 3.85
C PHE A 436 -24.79 -2.19 5.17
N GLU A 437 -25.56 -2.19 6.27
CA GLU A 437 -25.00 -2.55 7.57
C GLU A 437 -24.52 -3.99 7.60
N LYS A 438 -25.37 -4.93 7.16
CA LYS A 438 -24.97 -6.33 7.15
C LYS A 438 -23.88 -6.60 6.12
N GLN A 439 -23.87 -5.86 5.01
CA GLN A 439 -22.80 -6.01 4.04
C GLN A 439 -21.46 -5.62 4.63
N ILE A 440 -21.44 -4.61 5.50
CA ILE A 440 -20.21 -4.20 6.17
C ILE A 440 -19.61 -5.36 6.95
N TYR A 441 -20.41 -5.95 7.85
CA TYR A 441 -19.91 -7.01 8.72
C TYR A 441 -19.44 -8.21 7.92
N VAL A 442 -20.25 -8.65 6.96
CA VAL A 442 -19.97 -9.91 6.27
C VAL A 442 -18.79 -9.76 5.31
N THR A 443 -18.78 -8.68 4.53
CA THR A 443 -17.71 -8.49 3.56
C THR A 443 -16.34 -8.36 4.25
N PHE A 444 -16.30 -7.70 5.41
CA PHE A 444 -15.05 -7.62 6.15
C PHE A 444 -14.62 -8.99 6.66
N LEU A 445 -15.56 -9.77 7.21
CA LEU A 445 -15.25 -11.11 7.68
C LEU A 445 -14.64 -11.95 6.57
N ALA A 446 -15.22 -11.89 5.37
CA ALA A 446 -14.64 -12.57 4.22
C ALA A 446 -13.26 -12.01 3.90
N GLY A 447 -13.09 -10.69 4.04
CA GLY A 447 -11.82 -10.06 3.72
C GLY A 447 -10.72 -10.36 4.72
N ILE A 448 -11.08 -10.76 5.94
CA ILE A 448 -10.07 -11.16 6.93
C ILE A 448 -9.16 -12.23 6.36
N PHE A 449 -9.75 -13.20 5.66
CA PHE A 449 -9.01 -14.35 5.17
C PHE A 449 -8.38 -14.13 3.81
N ARG A 450 -8.64 -12.99 3.17
CA ARG A 450 -7.80 -12.58 2.05
C ARG A 450 -6.53 -11.91 2.57
N THR A 451 -6.68 -11.02 3.56
CA THR A 451 -5.54 -10.32 4.12
C THR A 451 -4.58 -11.28 4.83
N ILE A 452 -5.13 -12.22 5.60
CA ILE A 452 -4.29 -13.07 6.44
C ILE A 452 -3.45 -14.03 5.60
N ARG A 453 -3.92 -14.40 4.41
CA ARG A 453 -3.12 -15.26 3.54
C ARG A 453 -1.80 -14.63 3.13
N PHE A 454 -1.70 -13.29 3.21
CA PHE A 454 -0.43 -12.63 2.95
C PHE A 454 0.59 -12.88 4.04
N GLY A 455 0.14 -13.28 5.23
CA GLY A 455 1.04 -13.49 6.35
C GLY A 455 0.50 -12.90 7.64
N ILE A 456 0.44 -13.71 8.70
CA ILE A 456 -0.13 -13.26 9.96
C ILE A 456 0.84 -12.42 10.78
N ASN A 457 2.13 -12.42 10.42
CA ASN A 457 3.10 -11.63 11.16
C ASN A 457 3.22 -10.20 10.66
N GLU A 458 2.75 -9.91 9.45
CA GLU A 458 2.70 -8.53 8.99
C GLU A 458 1.69 -7.75 9.81
N ALA A 459 1.89 -6.43 9.87
CA ALA A 459 1.07 -5.59 10.74
C ALA A 459 -0.40 -5.67 10.38
N HIS A 460 -0.72 -5.60 9.08
CA HIS A 460 -2.10 -5.66 8.65
C HIS A 460 -2.70 -7.04 8.94
N GLY A 461 -1.96 -8.10 8.65
CA GLY A 461 -2.46 -9.44 8.94
C GLY A 461 -2.57 -9.70 10.44
N ALA A 462 -1.62 -9.18 11.22
CA ALA A 462 -1.70 -9.31 12.67
C ALA A 462 -2.96 -8.62 13.20
N GLY A 463 -3.25 -7.43 12.69
CA GLY A 463 -4.45 -6.73 13.12
C GLY A 463 -5.73 -7.47 12.77
N ASN A 464 -5.74 -8.14 11.61
CA ASN A 464 -6.91 -8.92 11.23
C ASN A 464 -7.06 -10.17 12.08
N ALA A 465 -5.93 -10.77 12.48
CA ALA A 465 -5.98 -11.92 13.37
C ALA A 465 -6.58 -11.54 14.71
N VAL A 466 -6.23 -10.36 15.22
CA VAL A 466 -6.80 -9.88 16.48
C VAL A 466 -8.32 -9.72 16.35
N ILE A 467 -8.76 -9.07 15.27
CA ILE A 467 -10.19 -8.81 15.10
C ILE A 467 -10.96 -10.13 15.01
N PHE A 468 -10.45 -11.09 14.26
CA PHE A 468 -11.16 -12.37 14.11
C PHE A 468 -11.20 -13.13 15.44
N ASN A 469 -10.04 -13.25 16.10
CA ASN A 469 -9.99 -14.03 17.33
C ASN A 469 -10.72 -13.34 18.47
N TYR A 470 -10.66 -12.01 18.52
CA TYR A 470 -11.37 -11.29 19.57
C TYR A 470 -12.89 -11.38 19.36
N LEU A 471 -13.35 -11.13 18.13
CA LEU A 471 -14.79 -11.17 17.87
C LEU A 471 -15.34 -12.59 17.91
N LEU A 472 -14.51 -13.59 17.58
CA LEU A 472 -14.91 -14.97 17.79
C LEU A 472 -15.10 -15.26 19.28
N GLU A 473 -14.20 -14.74 20.10
CA GLU A 473 -14.30 -14.95 21.55
C GLU A 473 -15.53 -14.26 22.12
N LYS A 474 -15.85 -13.07 21.62
CA LYS A 474 -17.01 -12.33 22.09
C LYS A 474 -18.32 -12.91 21.59
N GLY A 475 -18.28 -13.83 20.64
CA GLY A 475 -19.49 -14.33 20.02
C GLY A 475 -19.97 -13.52 18.84
N ALA A 476 -19.29 -12.42 18.49
CA ALA A 476 -19.68 -11.64 17.33
C ALA A 476 -19.42 -12.39 16.03
N TYR A 477 -18.35 -13.17 15.98
CA TYR A 477 -18.13 -14.18 14.95
C TYR A 477 -18.43 -15.55 15.53
N GLN A 478 -18.72 -16.50 14.64
CA GLN A 478 -18.97 -17.87 15.05
C GLN A 478 -18.33 -18.81 14.04
N PHE A 479 -17.61 -19.81 14.54
CA PHE A 479 -16.95 -20.82 13.73
C PHE A 479 -17.64 -22.15 13.94
N ASP A 480 -18.19 -22.71 12.87
CA ASP A 480 -18.83 -24.02 12.94
C ASP A 480 -17.75 -25.09 12.83
N PRO A 481 -17.49 -25.84 13.91
CA PRO A 481 -16.40 -26.84 13.87
C PRO A 481 -16.68 -28.03 12.97
N ALA A 482 -17.93 -28.22 12.52
CA ALA A 482 -18.26 -29.30 11.60
C ALA A 482 -18.29 -28.83 10.15
N ALA A 483 -18.95 -27.70 9.87
CA ALA A 483 -19.01 -27.19 8.52
C ALA A 483 -17.71 -26.51 8.09
N HIS A 484 -16.88 -26.12 9.05
CA HIS A 484 -15.65 -25.36 8.78
C HIS A 484 -15.97 -24.07 8.02
N ARG A 485 -16.93 -23.32 8.55
CA ARG A 485 -17.30 -22.04 7.99
C ARG A 485 -17.51 -21.03 9.11
N VAL A 486 -17.38 -19.76 8.77
CA VAL A 486 -17.54 -18.68 9.73
C VAL A 486 -18.74 -17.82 9.32
N LYS A 487 -19.34 -17.16 10.30
CA LYS A 487 -20.48 -16.31 10.06
C LYS A 487 -20.47 -15.14 11.04
N VAL A 488 -21.24 -14.12 10.71
CA VAL A 488 -21.44 -12.97 11.59
C VAL A 488 -22.65 -13.24 12.47
N ASN A 489 -22.49 -13.01 13.76
CA ASN A 489 -23.63 -13.01 14.69
C ASN A 489 -24.16 -11.59 14.73
N PHE A 490 -25.26 -11.35 14.02
CA PHE A 490 -25.81 -10.01 13.89
C PHE A 490 -26.34 -9.45 15.20
N GLU A 491 -26.50 -10.29 16.23
CA GLU A 491 -26.99 -9.81 17.51
C GLU A 491 -25.89 -9.32 18.44
N LYS A 492 -24.63 -9.63 18.12
CA LYS A 492 -23.50 -9.20 18.94
C LYS A 492 -22.39 -8.52 18.16
N ILE A 493 -22.52 -8.38 16.84
CA ILE A 493 -21.41 -7.88 16.05
C ILE A 493 -21.22 -6.37 16.24
N LYS A 494 -22.32 -5.62 16.42
CA LYS A 494 -22.19 -4.17 16.56
C LYS A 494 -21.45 -3.81 17.84
N ASP A 495 -21.85 -4.41 18.97
CA ASP A 495 -21.16 -4.14 20.23
C ASP A 495 -19.73 -4.68 20.20
N GLY A 496 -19.51 -5.81 19.53
CA GLY A 496 -18.16 -6.36 19.44
C GLY A 496 -17.20 -5.41 18.76
N VAL A 497 -17.64 -4.75 17.68
CA VAL A 497 -16.79 -3.77 17.01
C VAL A 497 -16.54 -2.58 17.93
N ARG A 498 -17.59 -2.09 18.58
CA ARG A 498 -17.44 -0.97 19.52
C ARG A 498 -16.51 -1.35 20.66
N ASP A 499 -16.66 -2.57 21.19
CA ASP A 499 -15.82 -3.01 22.30
C ASP A 499 -14.35 -3.02 21.91
N LEU A 500 -14.03 -3.63 20.76
CA LEU A 500 -12.64 -3.69 20.34
C LEU A 500 -12.09 -2.32 19.95
N ALA A 501 -12.94 -1.45 19.39
CA ALA A 501 -12.51 -0.09 19.07
C ALA A 501 -12.14 0.65 20.35
N ASN A 502 -13.00 0.57 21.37
CA ASN A 502 -12.71 1.20 22.65
C ASN A 502 -11.40 0.70 23.24
N LYS A 503 -11.14 -0.61 23.15
CA LYS A 503 -9.94 -1.18 23.75
C LYS A 503 -8.69 -0.71 23.02
N VAL A 504 -8.71 -0.74 21.69
CA VAL A 504 -7.51 -0.36 20.93
C VAL A 504 -7.25 1.14 21.05
N LEU A 505 -8.30 1.96 21.01
CA LEU A 505 -8.12 3.40 21.13
C LEU A 505 -7.61 3.77 22.52
N THR A 506 -8.08 3.08 23.56
CA THR A 506 -7.64 3.38 24.91
C THR A 506 -6.18 2.99 25.11
N ILE A 507 -5.78 1.84 24.57
CA ILE A 507 -4.37 1.44 24.62
C ILE A 507 -3.50 2.50 23.97
N GLN A 508 -3.97 3.08 22.87
CA GLN A 508 -3.19 4.10 22.18
C GLN A 508 -3.17 5.41 22.97
N ALA A 509 -4.31 5.84 23.49
CA ALA A 509 -4.39 7.11 24.20
C ALA A 509 -3.54 7.09 25.47
N GLN A 510 -3.40 5.92 26.10
CA GLN A 510 -2.61 5.79 27.31
C GLN A 510 -1.17 5.37 27.03
N GLY A 511 -0.79 5.24 25.77
CA GLY A 511 0.55 4.76 25.45
C GLY A 511 0.90 3.46 26.12
N ASP A 512 -0.07 2.55 26.23
CA ASP A 512 0.06 1.35 27.05
C ASP A 512 0.73 0.26 26.23
N TYR A 513 2.07 0.34 26.16
CA TYR A 513 2.86 -0.64 25.42
C TYR A 513 2.62 -2.05 25.96
N MET A 514 2.43 -2.18 27.28
CA MET A 514 2.25 -3.50 27.87
C MET A 514 0.91 -4.11 27.48
N ALA A 515 -0.15 -3.30 27.45
CA ALA A 515 -1.46 -3.80 27.02
C ALA A 515 -1.48 -4.07 25.52
N ALA A 516 -0.70 -3.31 24.74
CA ALA A 516 -0.59 -3.59 23.31
C ALA A 516 0.08 -4.93 23.06
N LYS A 517 1.14 -5.23 23.82
CA LYS A 517 1.80 -6.53 23.69
C LYS A 517 0.88 -7.66 24.07
N ASN A 518 0.19 -7.53 25.21
CA ASN A 518 -0.69 -8.60 25.69
C ASN A 518 -1.84 -8.83 24.73
N LEU A 519 -2.37 -7.77 24.13
CA LEU A 519 -3.42 -7.91 23.13
C LEU A 519 -2.92 -8.71 21.94
N LEU A 520 -1.71 -8.42 21.47
CA LEU A 520 -1.15 -9.14 20.32
C LEU A 520 -0.80 -10.57 20.69
N GLU A 521 -0.16 -10.77 21.85
CA GLU A 521 0.16 -12.12 22.28
C GLU A 521 -1.09 -12.98 22.41
N THR A 522 -2.21 -12.39 22.80
CA THR A 522 -3.42 -13.16 23.04
C THR A 522 -4.20 -13.43 21.76
N TYR A 523 -4.36 -12.40 20.92
CA TYR A 523 -5.31 -12.47 19.81
C TYR A 523 -4.69 -12.45 18.42
N ALA A 524 -3.45 -11.97 18.29
CA ALA A 524 -2.76 -11.99 16.99
C ALA A 524 -2.03 -13.32 16.80
N VAL A 525 -2.81 -14.39 16.88
CA VAL A 525 -2.27 -15.75 16.84
C VAL A 525 -2.96 -16.54 15.74
N GLU A 526 -2.24 -17.54 15.22
CA GLU A 526 -2.78 -18.45 14.21
C GLU A 526 -3.59 -19.52 14.92
N SER A 527 -4.80 -19.14 15.34
CA SER A 527 -5.68 -20.05 16.05
C SER A 527 -6.10 -21.20 15.13
N GLU A 528 -6.63 -22.26 15.76
CA GLU A 528 -7.08 -23.42 14.99
C GLU A 528 -8.17 -23.05 13.98
N PRO A 529 -9.19 -22.24 14.31
CA PRO A 529 -10.13 -21.83 13.26
C PRO A 529 -9.47 -21.14 12.09
N ILE A 530 -8.45 -20.32 12.33
CA ILE A 530 -7.74 -19.68 11.23
C ILE A 530 -6.97 -20.70 10.41
N MET A 531 -6.31 -21.65 11.09
N MET A 531 -6.31 -21.65 11.09
CA MET A 531 -5.58 -22.70 10.39
CA MET A 531 -5.58 -22.70 10.38
C MET A 531 -6.51 -23.52 9.50
C MET A 531 -6.51 -23.52 9.50
N ILE A 532 -7.72 -23.80 9.98
CA ILE A 532 -8.67 -24.58 9.21
C ILE A 532 -9.15 -23.80 7.99
N MET A 533 -9.58 -22.54 8.21
CA MET A 533 -10.06 -21.73 7.10
C MET A 533 -8.97 -21.49 6.06
N ARG A 534 -7.75 -21.23 6.53
CA ARG A 534 -6.63 -21.01 5.61
C ARG A 534 -6.38 -22.25 4.73
N ALA A 535 -6.49 -23.44 5.32
CA ALA A 535 -6.27 -24.66 4.56
C ALA A 535 -7.30 -24.82 3.45
N ARG A 536 -8.50 -24.28 3.63
CA ARG A 536 -9.52 -24.36 2.60
C ARG A 536 -9.20 -23.51 1.38
N LEU A 537 -8.31 -22.52 1.53
CA LEU A 537 -8.05 -21.54 0.48
C LEU A 537 -6.73 -21.79 -0.24
N GLN A 538 -6.12 -22.95 -0.05
CA GLN A 538 -4.78 -23.18 -0.60
C GLN A 538 -4.77 -23.19 -2.12
N GLU A 539 -5.89 -23.54 -2.76
CA GLU A 539 -5.94 -23.64 -4.21
C GLU A 539 -6.28 -22.34 -4.90
N LEU A 540 -6.73 -21.33 -4.16
CA LEU A 540 -7.08 -20.04 -4.75
C LEU A 540 -5.82 -19.23 -5.00
N PRO A 541 -5.89 -18.25 -5.91
CA PRO A 541 -4.75 -17.35 -6.11
C PRO A 541 -4.48 -16.53 -4.86
N VAL A 542 -3.22 -16.11 -4.69
CA VAL A 542 -2.87 -15.25 -3.58
C VAL A 542 -3.16 -13.79 -3.92
N ASP A 543 -2.77 -13.35 -5.12
CA ASP A 543 -3.13 -12.02 -5.59
C ASP A 543 -3.42 -12.05 -7.08
N ILE A 544 -3.03 -11.00 -7.80
CA ILE A 544 -3.37 -10.84 -9.20
C ILE A 544 -2.13 -10.46 -10.01
N LYS A 545 -2.12 -10.86 -11.28
CA LYS A 545 -1.11 -10.45 -12.24
C LYS A 545 -1.72 -9.43 -13.19
N PRO A 546 -1.27 -8.18 -13.18
CA PRO A 546 -1.91 -7.17 -14.03
C PRO A 546 -1.51 -7.33 -15.49
N ILE A 547 -2.50 -7.38 -16.36
CA ILE A 547 -2.30 -7.41 -17.81
C ILE A 547 -2.94 -6.14 -18.34
N PHE A 548 -2.10 -5.13 -18.65
CA PHE A 548 -2.57 -3.78 -18.89
C PHE A 548 -3.05 -3.64 -20.34
N GLN A 549 -4.29 -3.17 -20.50
CA GLN A 549 -4.84 -2.90 -21.82
C GLN A 549 -3.95 -1.96 -22.62
N ILE A 550 -3.40 -0.94 -21.96
CA ILE A 550 -2.56 0.04 -22.64
C ILE A 550 -1.29 -0.61 -23.19
N GLU A 551 -0.80 -1.67 -22.54
CA GLU A 551 0.35 -2.38 -23.06
C GLU A 551 0.00 -3.15 -24.33
N LYS A 552 -1.27 -3.54 -24.49
CA LYS A 552 -1.71 -4.13 -25.74
C LYS A 552 -1.99 -3.09 -26.81
N GLU A 553 -2.10 -1.82 -26.42
CA GLU A 553 -2.32 -0.72 -27.36
C GLU A 553 -1.01 -0.14 -27.87
N LEU A 554 -0.06 0.12 -26.97
CA LEU A 554 1.21 0.74 -27.34
C LEU A 554 2.35 -0.26 -27.50
N GLY A 555 2.24 -1.43 -26.91
CA GLY A 555 3.21 -2.51 -27.10
C GLY A 555 4.67 -2.15 -26.94
#